data_4WH2
#
_entry.id   4WH2
#
_cell.length_a   44.079
_cell.length_b   88.220
_cell.length_c   105.895
_cell.angle_alpha   90.00
_cell.angle_beta   90.00
_cell.angle_gamma   90.00
#
_symmetry.space_group_name_H-M   'P 21 21 21'
#
loop_
_entity.id
_entity.type
_entity.pdbx_description
1 polymer 'N-acetylhexosamine 1-kinase'
2 non-polymer "ADENOSINE-5'-DIPHOSPHATE"
3 non-polymer 'MAGNESIUM ION'
4 non-polymer 'ACETIC ACID'
5 non-polymer GLYCEROL
6 water water
#
_entity_poly.entity_id   1
_entity_poly.type   'polypeptide(L)'
_entity_poly.pdbx_seq_one_letter_code
;MTESNEVLFGIASHFALEGAVTGIEPYGDGHINTTYLVTTDGPRYILQQMNTSIFPDTVNLMRNVELVTSTLKAQGKETL
DIVPTTSGATWAEIDGGAWRVYKFIEHTVSYNLVPNPDVFREAGSAFGDFQNFLSEFDASQLTETIAHFHDTPHRFEDFK
AALAADKLGRAAACQPEIDFYLSHADQYAVVMDGLRDGSIPLRVTHNDTKLNNILMDATTGKARAIIDLDTIMPGSMLFD
FGDSIRFGASTALEDEKDLSKVHFSTELFRAYTEGFVGELRGSITAREAELLPFSGNLLTMECGMRFLADYLEGDIYFAT
KYPEHNLVRTRTQIKLVQEMEQKASETRAIVADIMEAARLEHHHHHH
;
_entity_poly.pdbx_strand_id   A
#
loop_
_chem_comp.id
_chem_comp.type
_chem_comp.name
_chem_comp.formula
ACY non-polymer 'ACETIC ACID' 'C2 H4 O2'
ADP non-polymer ADENOSINE-5'-DIPHOSPHATE 'C10 H15 N5 O10 P2'
GOL non-polymer GLYCEROL 'C3 H8 O3'
MG non-polymer 'MAGNESIUM ION' 'Mg 2'
#
# COMPACT_ATOMS: atom_id res chain seq x y z
N ASN A 5 -9.64 0.36 30.00
CA ASN A 5 -10.98 0.91 29.78
C ASN A 5 -11.14 2.18 30.58
N GLU A 6 -10.52 2.21 31.74
CA GLU A 6 -10.48 3.43 32.54
C GLU A 6 -9.63 4.44 31.80
N VAL A 7 -8.44 4.02 31.39
CA VAL A 7 -7.56 4.87 30.61
C VAL A 7 -8.15 5.18 29.22
N LEU A 8 -8.72 4.17 28.58
CA LEU A 8 -9.31 4.34 27.25
C LEU A 8 -10.39 5.42 27.24
N PHE A 9 -11.31 5.35 28.21
CA PHE A 9 -12.37 6.35 28.33
C PHE A 9 -11.75 7.73 28.52
N GLY A 10 -10.68 7.76 29.32
CA GLY A 10 -9.94 8.99 29.58
C GLY A 10 -9.35 9.55 28.29
N ILE A 11 -8.73 8.68 27.50
CA ILE A 11 -8.18 9.07 26.21
C ILE A 11 -9.30 9.61 25.33
N ALA A 12 -10.42 8.89 25.29
CA ALA A 12 -11.58 9.29 24.50
C ALA A 12 -12.07 10.69 24.84
N SER A 13 -11.98 11.09 26.11
CA SER A 13 -12.48 12.39 26.56
C SER A 13 -11.76 13.56 25.91
N HIS A 14 -10.62 13.28 25.27
CA HIS A 14 -9.83 14.35 24.66
C HIS A 14 -10.43 14.78 23.33
N PHE A 15 -11.33 13.96 22.78
CA PHE A 15 -11.85 14.20 21.43
C PHE A 15 -13.31 14.66 21.41
N ALA A 16 -13.65 15.48 20.43
CA ALA A 16 -15.00 16.00 20.27
C ALA A 16 -15.98 14.97 19.70
N LEU A 17 -16.18 13.87 20.42
CA LEU A 17 -17.15 12.86 20.03
C LEU A 17 -18.57 13.45 20.14
N GLU A 18 -19.47 13.03 19.26
CA GLU A 18 -20.84 13.56 19.29
C GLU A 18 -21.84 12.57 19.91
N GLY A 19 -21.36 11.79 20.87
CA GLY A 19 -22.20 10.87 21.62
C GLY A 19 -21.51 10.40 22.89
N ALA A 20 -22.25 10.27 23.99
CA ALA A 20 -21.67 9.81 25.24
C ALA A 20 -21.11 8.41 25.05
N VAL A 21 -19.87 8.21 25.49
CA VAL A 21 -19.16 6.95 25.28
C VAL A 21 -19.71 5.86 26.19
N THR A 22 -20.01 4.71 25.60
CA THR A 22 -20.57 3.60 26.36
C THR A 22 -19.65 2.38 26.37
N GLY A 23 -18.69 2.36 25.45
CA GLY A 23 -17.76 1.24 25.36
C GLY A 23 -16.58 1.47 24.43
N ILE A 24 -15.50 0.75 24.69
CA ILE A 24 -14.28 0.82 23.89
C ILE A 24 -13.58 -0.53 23.92
N GLU A 25 -13.39 -1.13 22.75
CA GLU A 25 -12.75 -2.43 22.68
C GLU A 25 -11.78 -2.47 21.51
N PRO A 26 -10.74 -3.33 21.61
CA PRO A 26 -9.81 -3.54 20.50
C PRO A 26 -10.59 -3.97 19.27
N TYR A 27 -10.12 -3.59 18.08
CA TYR A 27 -10.87 -3.85 16.88
C TYR A 27 -9.98 -4.02 15.65
N GLY A 28 -10.39 -4.92 14.75
CA GLY A 28 -9.73 -5.09 13.47
C GLY A 28 -8.47 -5.92 13.52
N ASP A 29 -7.97 -6.28 12.34
CA ASP A 29 -6.76 -7.09 12.23
C ASP A 29 -5.62 -6.28 11.62
N GLY A 30 -5.36 -5.10 12.16
CA GLY A 30 -4.19 -4.34 11.77
C GLY A 30 -3.08 -4.56 12.76
N HIS A 31 -1.83 -4.37 12.35
CA HIS A 31 -0.71 -4.66 13.24
C HIS A 31 0.31 -3.54 13.39
N ILE A 32 0.01 -2.37 12.83
CA ILE A 32 0.91 -1.22 12.97
C ILE A 32 0.36 -0.24 14.00
N ASN A 33 -0.89 0.16 13.82
CA ASN A 33 -1.60 0.96 14.81
C ASN A 33 -2.22 0.03 15.87
N THR A 34 -2.51 0.58 17.05
CA THR A 34 -3.32 -0.15 18.03
C THR A 34 -4.74 0.38 17.91
N THR A 35 -5.64 -0.44 17.41
CA THR A 35 -6.95 0.05 16.98
C THR A 35 -8.11 -0.39 17.87
N TYR A 36 -8.98 0.57 18.20
CA TYR A 36 -10.13 0.33 19.05
C TYR A 36 -11.43 0.78 18.41
N LEU A 37 -12.50 0.03 18.69
CA LEU A 37 -13.83 0.47 18.32
C LEU A 37 -14.48 1.19 19.51
N VAL A 38 -14.89 2.45 19.28
CA VAL A 38 -15.59 3.26 20.28
C VAL A 38 -17.09 3.33 20.00
N THR A 39 -17.91 2.86 20.95
CA THR A 39 -19.37 2.92 20.80
C THR A 39 -19.93 4.03 21.69
N THR A 40 -20.84 4.83 21.15
CA THR A 40 -21.49 5.90 21.92
C THR A 40 -23.00 5.75 21.87
N ASP A 41 -23.72 6.54 22.67
CA ASP A 41 -25.17 6.63 22.53
C ASP A 41 -25.48 7.48 21.30
N GLY A 42 -24.99 6.99 20.17
CA GLY A 42 -25.03 7.71 18.92
C GLY A 42 -24.09 7.01 17.96
N PRO A 43 -23.24 7.79 17.28
CA PRO A 43 -22.37 7.25 16.23
C PRO A 43 -21.21 6.46 16.82
N ARG A 44 -20.53 5.69 15.98
CA ARG A 44 -19.36 4.94 16.42
C ARG A 44 -18.10 5.55 15.84
N TYR A 45 -16.97 5.27 16.49
CA TYR A 45 -15.70 5.90 16.13
C TYR A 45 -14.56 4.90 16.15
N ILE A 46 -13.53 5.21 15.36
CA ILE A 46 -12.27 4.49 15.45
C ILE A 46 -11.29 5.33 16.25
N LEU A 47 -10.72 4.74 17.29
CA LEU A 47 -9.67 5.38 18.10
C LEU A 47 -8.39 4.59 17.93
N GLN A 48 -7.30 5.28 17.61
CA GLN A 48 -6.02 4.60 17.38
C GLN A 48 -4.89 5.23 18.17
N GLN A 49 -4.04 4.38 18.74
CA GLN A 49 -2.75 4.86 19.20
C GLN A 49 -1.75 4.65 18.07
N MET A 50 -1.20 5.75 17.56
CA MET A 50 -0.30 5.67 16.42
C MET A 50 1.04 5.05 16.76
N ASN A 51 1.67 4.41 15.77
CA ASN A 51 2.99 3.81 15.95
C ASN A 51 4.06 4.88 15.77
N THR A 52 4.55 5.42 16.89
CA THR A 52 5.54 6.48 16.88
C THR A 52 6.97 5.95 16.73
N SER A 53 7.14 4.63 16.85
CA SER A 53 8.42 4.03 16.54
C SER A 53 8.68 4.08 15.04
N ILE A 54 7.68 3.67 14.26
CA ILE A 54 7.78 3.71 12.79
C ILE A 54 7.55 5.12 12.28
N PHE A 55 6.61 5.83 12.91
CA PHE A 55 6.26 7.17 12.49
C PHE A 55 6.50 8.20 13.60
N PRO A 56 7.77 8.53 13.87
CA PRO A 56 8.08 9.45 14.97
C PRO A 56 7.54 10.85 14.75
N ASP A 57 7.41 11.26 13.49
CA ASP A 57 6.97 12.62 13.17
C ASP A 57 5.46 12.66 12.96
N THR A 58 4.71 12.62 14.06
CA THR A 58 3.25 12.59 14.02
C THR A 58 2.65 13.86 13.39
N VAL A 59 3.24 15.00 13.69
CA VAL A 59 2.74 16.26 13.13
C VAL A 59 2.72 16.24 11.59
N ASN A 60 3.83 15.81 10.98
CA ASN A 60 3.92 15.76 9.53
C ASN A 60 3.04 14.66 8.92
N LEU A 61 2.91 13.53 9.61
CA LEU A 61 2.04 12.47 9.10
C LEU A 61 0.56 12.89 9.13
N MET A 62 0.13 13.52 10.22
CA MET A 62 -1.25 13.94 10.32
C MET A 62 -1.55 15.12 9.39
N ARG A 63 -0.53 15.94 9.11
CA ARG A 63 -0.68 16.98 8.11
C ARG A 63 -0.99 16.35 6.74
N ASN A 64 -0.20 15.34 6.37
CA ASN A 64 -0.45 14.60 5.12
C ASN A 64 -1.88 14.06 5.07
N VAL A 65 -2.27 13.35 6.13
CA VAL A 65 -3.60 12.77 6.20
C VAL A 65 -4.69 13.85 6.07
N GLU A 66 -4.48 14.98 6.73
CA GLU A 66 -5.47 16.04 6.73
C GLU A 66 -5.61 16.67 5.34
N LEU A 67 -4.49 16.89 4.68
CA LEU A 67 -4.51 17.45 3.33
C LEU A 67 -5.30 16.57 2.37
N VAL A 68 -4.95 15.30 2.28
CA VAL A 68 -5.61 14.38 1.33
C VAL A 68 -7.09 14.21 1.66
N THR A 69 -7.40 13.95 2.93
CA THR A 69 -8.80 13.76 3.31
C THR A 69 -9.65 15.00 3.05
N SER A 70 -9.07 16.18 3.25
CA SER A 70 -9.81 17.42 3.02
C SER A 70 -10.17 17.60 1.55
N THR A 71 -9.22 17.28 0.66
CA THR A 71 -9.46 17.35 -0.78
C THR A 71 -10.63 16.46 -1.18
N LEU A 72 -10.63 15.24 -0.65
CA LEU A 72 -11.70 14.29 -0.95
C LEU A 72 -13.04 14.76 -0.42
N LYS A 73 -13.08 15.21 0.83
CA LYS A 73 -14.34 15.68 1.43
C LYS A 73 -14.92 16.87 0.68
N ALA A 74 -14.05 17.81 0.31
CA ALA A 74 -14.47 18.98 -0.44
C ALA A 74 -15.19 18.59 -1.73
N GLN A 75 -14.83 17.43 -2.29
CA GLN A 75 -15.38 16.95 -3.55
C GLN A 75 -16.51 15.93 -3.33
N GLY A 76 -16.96 15.81 -2.09
CA GLY A 76 -18.04 14.89 -1.76
C GLY A 76 -17.69 13.40 -1.84
N LYS A 77 -16.41 13.07 -1.69
CA LYS A 77 -15.97 11.67 -1.72
C LYS A 77 -15.78 11.11 -0.31
N GLU A 78 -16.22 9.88 -0.09
CA GLU A 78 -16.09 9.25 1.22
C GLU A 78 -14.63 8.95 1.50
N THR A 79 -14.19 9.24 2.72
CA THR A 79 -12.80 9.04 3.10
C THR A 79 -12.71 8.97 4.61
N LEU A 80 -11.49 9.00 5.14
CA LEU A 80 -11.31 9.08 6.59
C LEU A 80 -11.68 10.48 7.09
N ASP A 81 -12.58 10.54 8.07
CA ASP A 81 -13.02 11.82 8.62
C ASP A 81 -12.44 11.95 10.03
N ILE A 82 -11.44 12.82 10.18
CA ILE A 82 -10.77 13.00 11.45
C ILE A 82 -11.72 13.68 12.43
N VAL A 83 -11.82 13.15 13.65
CA VAL A 83 -12.56 13.82 14.71
C VAL A 83 -11.55 14.55 15.59
N PRO A 84 -11.64 15.89 15.66
CA PRO A 84 -10.63 16.74 16.33
C PRO A 84 -10.62 16.56 17.84
N THR A 85 -9.52 16.94 18.49
CA THR A 85 -9.47 17.00 19.94
C THR A 85 -10.38 18.13 20.40
N THR A 86 -10.67 18.17 21.69
CA THR A 86 -11.46 19.27 22.25
C THR A 86 -10.79 20.62 22.01
N SER A 87 -9.48 20.60 21.81
CA SER A 87 -8.69 21.79 21.54
C SER A 87 -8.64 22.14 20.06
N GLY A 88 -9.12 21.23 19.21
CA GLY A 88 -9.19 21.49 17.78
C GLY A 88 -8.02 20.93 16.99
N ALA A 89 -7.24 20.04 17.62
CA ALA A 89 -6.13 19.38 16.94
C ALA A 89 -6.63 18.13 16.20
N THR A 90 -5.83 17.64 15.26
CA THR A 90 -6.19 16.43 14.51
C THR A 90 -5.75 15.18 15.27
N TRP A 91 -5.01 15.38 16.36
CA TRP A 91 -4.55 14.26 17.18
C TRP A 91 -4.12 14.79 18.55
N ALA A 92 -3.91 13.90 19.51
CA ALA A 92 -3.50 14.32 20.84
C ALA A 92 -2.37 13.49 21.44
N GLU A 93 -1.40 14.16 22.07
CA GLU A 93 -0.37 13.47 22.81
C GLU A 93 -0.87 13.28 24.24
N ILE A 94 -0.99 12.03 24.67
CA ILE A 94 -1.55 11.72 25.98
C ILE A 94 -0.67 10.71 26.69
N ASP A 95 0.07 11.17 27.70
CA ASP A 95 0.85 10.27 28.53
C ASP A 95 1.85 9.49 27.68
N GLY A 96 2.58 10.20 26.83
CA GLY A 96 3.60 9.58 26.00
C GLY A 96 3.03 8.78 24.83
N GLY A 97 1.76 8.99 24.53
CA GLY A 97 1.15 8.30 23.40
C GLY A 97 0.62 9.29 22.40
N ALA A 98 0.59 8.89 21.13
CA ALA A 98 -0.05 9.69 20.08
C ALA A 98 -1.34 8.97 19.70
N TRP A 99 -2.47 9.68 19.82
CA TRP A 99 -3.79 9.09 19.60
C TRP A 99 -4.56 9.93 18.58
N ARG A 100 -5.38 9.27 17.77
CA ARG A 100 -6.28 9.98 16.86
C ARG A 100 -7.63 9.27 16.78
N VAL A 101 -8.66 9.99 16.36
CA VAL A 101 -9.98 9.40 16.17
C VAL A 101 -10.52 9.64 14.76
N TYR A 102 -11.13 8.60 14.17
CA TYR A 102 -11.80 8.75 12.90
C TYR A 102 -13.27 8.39 13.09
N LYS A 103 -14.15 8.96 12.28
CA LYS A 103 -15.51 8.45 12.23
C LYS A 103 -15.46 7.00 11.73
N PHE A 104 -16.26 6.13 12.35
CA PHE A 104 -16.30 4.75 11.91
C PHE A 104 -17.04 4.70 10.57
N ILE A 105 -16.38 4.14 9.55
CA ILE A 105 -17.04 3.96 8.26
C ILE A 105 -17.93 2.71 8.34
N GLU A 106 -19.24 2.95 8.37
CA GLU A 106 -20.23 1.90 8.64
C GLU A 106 -20.64 1.10 7.42
N HIS A 107 -21.14 -0.11 7.66
CA HIS A 107 -21.74 -0.95 6.63
C HIS A 107 -20.73 -1.34 5.55
N THR A 108 -19.57 -1.83 5.97
CA THR A 108 -18.55 -2.30 5.04
C THR A 108 -18.03 -3.69 5.38
N VAL A 109 -17.35 -4.28 4.41
CA VAL A 109 -16.62 -5.51 4.60
C VAL A 109 -15.27 -5.26 3.94
N SER A 110 -14.27 -6.05 4.30
CA SER A 110 -12.97 -5.98 3.64
C SER A 110 -12.30 -7.34 3.65
N TYR A 111 -11.28 -7.52 2.82
CA TYR A 111 -10.63 -8.82 2.66
C TYR A 111 -9.15 -8.80 3.06
N ASN A 112 -8.61 -9.97 3.41
CA ASN A 112 -7.22 -10.08 3.83
C ASN A 112 -6.37 -10.75 2.76
N LEU A 113 -7.05 -11.21 1.72
CA LEU A 113 -6.41 -11.77 0.53
C LEU A 113 -7.42 -11.63 -0.59
N VAL A 114 -6.98 -11.81 -1.84
CA VAL A 114 -7.91 -11.70 -2.95
C VAL A 114 -8.72 -13.00 -3.07
N PRO A 115 -10.04 -12.91 -2.84
CA PRO A 115 -10.94 -14.07 -2.93
C PRO A 115 -11.25 -14.50 -4.36
N ASN A 116 -11.38 -13.52 -5.26
CA ASN A 116 -11.70 -13.79 -6.65
C ASN A 116 -11.44 -12.54 -7.49
N PRO A 117 -11.54 -12.66 -8.83
CA PRO A 117 -11.31 -11.56 -9.76
C PRO A 117 -12.30 -10.40 -9.65
N ASP A 118 -13.57 -10.67 -9.32
CA ASP A 118 -14.53 -9.58 -9.16
C ASP A 118 -14.14 -8.65 -8.01
N VAL A 119 -13.76 -9.23 -6.89
CA VAL A 119 -13.33 -8.42 -5.74
C VAL A 119 -12.04 -7.66 -6.08
N PHE A 120 -11.14 -8.30 -6.82
CA PHE A 120 -9.89 -7.65 -7.20
C PHE A 120 -10.15 -6.49 -8.16
N ARG A 121 -11.10 -6.68 -9.09
CA ARG A 121 -11.50 -5.58 -9.97
C ARG A 121 -12.01 -4.41 -9.12
N GLU A 122 -12.76 -4.73 -8.07
CA GLU A 122 -13.33 -3.68 -7.24
C GLU A 122 -12.23 -2.99 -6.41
N ALA A 123 -11.18 -3.73 -6.08
CA ALA A 123 -10.05 -3.10 -5.40
C ALA A 123 -9.41 -2.13 -6.37
N GLY A 124 -9.32 -2.55 -7.63
CA GLY A 124 -8.75 -1.71 -8.67
C GLY A 124 -9.55 -0.44 -8.83
N SER A 125 -10.87 -0.58 -8.86
CA SER A 125 -11.76 0.57 -8.98
C SER A 125 -11.57 1.53 -7.80
N ALA A 126 -11.43 0.98 -6.59
CA ALA A 126 -11.23 1.81 -5.41
C ALA A 126 -9.99 2.72 -5.50
N PHE A 127 -8.86 2.17 -5.93
CA PHE A 127 -7.65 3.00 -6.03
C PHE A 127 -7.62 3.86 -7.29
N GLY A 128 -8.29 3.42 -8.35
CA GLY A 128 -8.45 4.25 -9.53
C GLY A 128 -9.27 5.49 -9.20
N ASP A 129 -10.30 5.30 -8.39
CA ASP A 129 -11.16 6.40 -7.95
C ASP A 129 -10.39 7.34 -7.00
N PHE A 130 -9.58 6.75 -6.14
CA PHE A 130 -8.71 7.49 -5.23
C PHE A 130 -7.79 8.39 -6.06
N GLN A 131 -7.07 7.79 -7.01
CA GLN A 131 -6.21 8.55 -7.92
C GLN A 131 -6.96 9.64 -8.70
N ASN A 132 -8.12 9.27 -9.25
CA ASN A 132 -8.88 10.19 -10.09
C ASN A 132 -9.22 11.49 -9.37
N PHE A 133 -9.73 11.35 -8.16
CA PHE A 133 -10.12 12.53 -7.41
C PHE A 133 -8.99 13.24 -6.67
N LEU A 134 -7.77 12.71 -6.79
CA LEU A 134 -6.59 13.44 -6.30
C LEU A 134 -5.72 13.92 -7.48
N SER A 135 -6.23 13.78 -8.70
CA SER A 135 -5.43 14.08 -9.89
C SER A 135 -5.09 15.56 -10.03
N GLU A 136 -5.84 16.41 -9.32
CA GLU A 136 -5.62 17.86 -9.34
C GLU A 136 -4.90 18.32 -8.09
N PHE A 137 -4.68 17.40 -7.15
CA PHE A 137 -3.99 17.72 -5.90
C PHE A 137 -2.48 17.83 -6.12
N ASP A 138 -1.87 18.88 -5.58
CA ASP A 138 -0.43 19.05 -5.70
C ASP A 138 0.25 18.08 -4.73
N ALA A 139 0.64 16.92 -5.25
CA ALA A 139 1.20 15.87 -4.41
C ALA A 139 2.49 16.28 -3.71
N SER A 140 3.18 17.30 -4.25
CA SER A 140 4.45 17.72 -3.68
C SER A 140 4.29 18.35 -2.31
N GLN A 141 3.04 18.68 -1.95
CA GLN A 141 2.74 19.24 -0.63
C GLN A 141 2.96 18.21 0.46
N LEU A 142 2.87 16.94 0.09
CA LEU A 142 3.01 15.85 1.06
C LEU A 142 4.48 15.59 1.41
N THR A 143 4.77 15.44 2.69
CA THR A 143 6.11 15.10 3.13
C THR A 143 6.37 13.59 3.00
N GLU A 144 7.63 13.22 2.83
CA GLU A 144 7.99 11.82 2.67
C GLU A 144 8.08 11.10 4.03
N THR A 145 6.96 10.55 4.47
CA THR A 145 6.83 9.92 5.78
C THR A 145 7.84 8.79 6.02
N ILE A 146 8.00 7.91 5.03
CA ILE A 146 9.11 6.98 5.05
C ILE A 146 9.97 7.28 3.82
N ALA A 147 11.14 7.86 4.03
CA ALA A 147 11.98 8.28 2.91
C ALA A 147 12.38 7.13 2.00
N HIS A 148 12.30 7.38 0.69
CA HIS A 148 12.81 6.46 -0.33
C HIS A 148 12.03 5.15 -0.41
N PHE A 149 10.77 5.19 0.01
CA PHE A 149 10.02 3.96 0.25
C PHE A 149 9.91 3.09 -0.99
N HIS A 150 9.53 3.68 -2.12
CA HIS A 150 9.48 2.93 -3.37
C HIS A 150 10.48 3.49 -4.39
N ASP A 151 11.60 3.95 -3.85
CA ASP A 151 12.76 4.38 -4.62
C ASP A 151 13.59 3.12 -4.86
N THR A 152 13.32 2.44 -5.96
CA THR A 152 13.89 1.11 -6.16
C THR A 152 15.42 1.15 -6.28
N PRO A 153 15.96 2.17 -6.96
CA PRO A 153 17.43 2.29 -6.96
C PRO A 153 17.98 2.41 -5.54
N HIS A 154 17.30 3.17 -4.68
CA HIS A 154 17.75 3.28 -3.28
C HIS A 154 17.69 1.91 -2.59
N ARG A 155 16.60 1.18 -2.82
CA ARG A 155 16.46 -0.14 -2.22
C ARG A 155 17.56 -1.10 -2.70
N PHE A 156 17.96 -0.94 -3.95
CA PHE A 156 18.99 -1.80 -4.53
C PHE A 156 20.37 -1.47 -3.94
N GLU A 157 20.60 -0.21 -3.61
CA GLU A 157 21.82 0.15 -2.91
C GLU A 157 21.82 -0.51 -1.53
N ASP A 158 20.66 -0.50 -0.87
CA ASP A 158 20.52 -1.19 0.41
C ASP A 158 20.84 -2.67 0.24
N PHE A 159 20.28 -3.27 -0.81
CA PHE A 159 20.54 -4.68 -1.09
C PHE A 159 22.02 -4.94 -1.32
N LYS A 160 22.67 -4.10 -2.13
CA LYS A 160 24.09 -4.31 -2.41
C LYS A 160 24.91 -4.17 -1.13
N ALA A 161 24.53 -3.24 -0.26
CA ALA A 161 25.23 -3.07 0.99
C ALA A 161 25.12 -4.34 1.85
N ALA A 162 23.92 -4.91 1.90
CA ALA A 162 23.68 -6.13 2.67
C ALA A 162 24.45 -7.30 2.08
N LEU A 163 24.54 -7.33 0.75
CA LEU A 163 25.29 -8.39 0.08
C LEU A 163 26.78 -8.28 0.36
N ALA A 164 27.31 -7.06 0.28
CA ALA A 164 28.74 -6.84 0.53
C ALA A 164 29.10 -7.24 1.96
N ALA A 165 28.22 -6.89 2.89
CA ALA A 165 28.47 -7.18 4.30
C ALA A 165 28.38 -8.66 4.59
N ASP A 166 27.42 -9.35 3.95
CA ASP A 166 27.20 -10.79 4.11
C ASP A 166 27.43 -11.23 5.57
N LYS A 167 26.74 -10.57 6.49
CA LYS A 167 27.05 -10.70 7.91
C LYS A 167 26.90 -12.12 8.46
N LEU A 168 25.98 -12.87 7.89
CA LEU A 168 25.70 -14.23 8.35
C LEU A 168 26.38 -15.28 7.49
N GLY A 169 27.05 -14.86 6.42
CA GLY A 169 27.65 -15.80 5.50
C GLY A 169 26.59 -16.56 4.71
N ARG A 170 25.42 -15.95 4.56
CA ARG A 170 24.33 -16.59 3.84
C ARG A 170 24.42 -16.45 2.33
N ALA A 171 25.24 -15.52 1.83
CA ALA A 171 25.29 -15.28 0.39
C ALA A 171 25.68 -16.53 -0.40
N ALA A 172 26.55 -17.35 0.19
CA ALA A 172 27.00 -18.57 -0.46
C ALA A 172 25.82 -19.45 -0.84
N ALA A 173 24.76 -19.40 -0.03
CA ALA A 173 23.60 -20.27 -0.22
C ALA A 173 22.52 -19.73 -1.18
N CYS A 174 22.66 -18.49 -1.64
CA CYS A 174 21.65 -17.94 -2.54
C CYS A 174 22.22 -17.19 -3.75
N GLN A 175 23.25 -17.75 -4.36
CA GLN A 175 23.84 -17.15 -5.55
C GLN A 175 22.85 -16.95 -6.70
N PRO A 176 21.97 -17.94 -6.98
CA PRO A 176 21.02 -17.72 -8.06
C PRO A 176 20.10 -16.54 -7.76
N GLU A 177 19.64 -16.43 -6.51
CA GLU A 177 18.74 -15.34 -6.12
C GLU A 177 19.45 -14.00 -6.22
N ILE A 178 20.70 -13.96 -5.75
CA ILE A 178 21.49 -12.74 -5.83
C ILE A 178 21.70 -12.32 -7.28
N ASP A 179 22.07 -13.27 -8.12
CA ASP A 179 22.36 -12.97 -9.53
C ASP A 179 21.13 -12.49 -10.27
N PHE A 180 19.96 -13.01 -9.89
CA PHE A 180 18.72 -12.47 -10.40
C PHE A 180 18.64 -10.96 -10.17
N TYR A 181 18.86 -10.50 -8.95
CA TYR A 181 18.73 -9.07 -8.71
C TYR A 181 19.88 -8.26 -9.32
N LEU A 182 21.10 -8.79 -9.32
CA LEU A 182 22.22 -8.07 -9.90
C LEU A 182 22.03 -7.93 -11.41
N SER A 183 21.53 -8.98 -12.05
CA SER A 183 21.39 -8.97 -13.50
C SER A 183 20.28 -8.02 -13.97
N HIS A 184 19.35 -7.67 -13.09
CA HIS A 184 18.25 -6.78 -13.45
C HIS A 184 18.55 -5.31 -13.12
N ALA A 185 19.78 -5.02 -12.71
CA ALA A 185 20.15 -3.70 -12.18
C ALA A 185 19.76 -2.51 -13.07
N ASP A 186 19.86 -2.66 -14.39
CA ASP A 186 19.54 -1.53 -15.26
C ASP A 186 18.04 -1.28 -15.41
N GLN A 187 17.22 -2.06 -14.72
CA GLN A 187 15.76 -1.88 -14.77
C GLN A 187 15.17 -1.07 -13.60
N TYR A 188 15.94 -0.87 -12.54
CA TYR A 188 15.36 -0.32 -11.31
C TYR A 188 15.00 1.17 -11.34
N ALA A 189 15.66 1.92 -12.22
CA ALA A 189 15.50 3.37 -12.27
C ALA A 189 14.39 3.90 -13.19
N VAL A 190 13.67 3.01 -13.88
CA VAL A 190 12.66 3.43 -14.87
C VAL A 190 11.65 4.47 -14.38
N VAL A 191 11.00 4.21 -13.24
CA VAL A 191 9.95 5.11 -12.77
C VAL A 191 10.53 6.34 -12.08
N MET A 192 11.60 6.17 -11.30
CA MET A 192 12.27 7.31 -10.68
C MET A 192 12.75 8.31 -11.74
N ASP A 193 13.35 7.79 -12.82
CA ASP A 193 13.83 8.62 -13.91
C ASP A 193 12.71 9.42 -14.57
N GLY A 194 11.55 8.78 -14.78
CA GLY A 194 10.42 9.42 -15.40
C GLY A 194 9.80 10.50 -14.53
N LEU A 195 9.85 10.30 -13.22
CA LEU A 195 9.33 11.31 -12.30
C LEU A 195 10.24 12.53 -12.34
N ARG A 196 11.55 12.28 -12.28
CA ARG A 196 12.54 13.36 -12.27
C ARG A 196 12.51 14.25 -13.51
N ASP A 197 12.29 13.66 -14.69
CA ASP A 197 12.29 14.45 -15.93
C ASP A 197 10.91 14.83 -16.43
N GLY A 198 9.85 14.47 -15.69
CA GLY A 198 8.50 14.91 -16.01
C GLY A 198 7.70 13.98 -16.91
N SER A 199 8.34 12.93 -17.43
CA SER A 199 7.66 12.01 -18.33
C SER A 199 6.62 11.15 -17.60
N ILE A 200 6.68 11.18 -16.27
CA ILE A 200 5.71 10.47 -15.43
C ILE A 200 5.21 11.43 -14.36
N PRO A 201 3.87 11.61 -14.29
CA PRO A 201 3.22 12.57 -13.39
C PRO A 201 3.49 12.28 -11.92
N LEU A 202 3.76 13.32 -11.13
CA LEU A 202 3.87 13.14 -9.70
C LEU A 202 2.44 13.15 -9.15
N ARG A 203 2.09 12.07 -8.45
CA ARG A 203 0.74 11.95 -7.92
C ARG A 203 0.81 11.58 -6.45
N VAL A 204 -0.33 11.60 -5.77
CA VAL A 204 -0.40 11.08 -4.41
C VAL A 204 -0.23 9.56 -4.51
N THR A 205 0.54 8.97 -3.59
CA THR A 205 0.64 7.51 -3.53
C THR A 205 0.29 7.04 -2.12
N HIS A 206 -0.36 5.88 -2.04
CA HIS A 206 -0.87 5.36 -0.77
C HIS A 206 0.16 4.48 -0.06
N ASN A 207 0.76 3.56 -0.82
CA ASN A 207 1.91 2.77 -0.35
C ASN A 207 1.62 1.58 0.55
N ASP A 208 0.34 1.37 0.86
CA ASP A 208 -0.08 0.11 1.49
C ASP A 208 -1.43 -0.32 0.91
N THR A 209 -1.40 -0.75 -0.35
CA THR A 209 -2.63 -1.03 -1.10
C THR A 209 -3.24 -2.42 -0.86
N LYS A 210 -2.78 -3.11 0.18
CA LYS A 210 -3.37 -4.38 0.59
C LYS A 210 -4.88 -4.20 0.79
N LEU A 211 -5.67 -5.22 0.47
CA LEU A 211 -7.13 -5.13 0.55
C LEU A 211 -7.69 -4.85 1.95
N ASN A 212 -6.89 -5.11 2.99
CA ASN A 212 -7.30 -4.77 4.35
C ASN A 212 -7.65 -3.30 4.45
N ASN A 213 -7.03 -2.50 3.59
CA ASN A 213 -7.21 -1.05 3.64
C ASN A 213 -8.24 -0.52 2.65
N ILE A 214 -9.02 -1.43 2.06
CA ILE A 214 -10.07 -1.04 1.12
C ILE A 214 -11.43 -1.51 1.62
N LEU A 215 -12.25 -0.55 2.05
CA LEU A 215 -13.57 -0.89 2.57
C LEU A 215 -14.54 -0.97 1.40
N MET A 216 -15.28 -2.06 1.33
CA MET A 216 -16.29 -2.21 0.29
C MET A 216 -17.67 -2.29 0.95
N ASP A 217 -18.73 -2.02 0.19
CA ASP A 217 -20.05 -1.95 0.82
C ASP A 217 -20.49 -3.34 1.29
N ALA A 218 -21.01 -3.42 2.50
CA ALA A 218 -21.45 -4.69 3.08
C ALA A 218 -22.60 -5.36 2.30
N THR A 219 -23.38 -4.58 1.57
CA THR A 219 -24.45 -5.15 0.74
C THR A 219 -24.11 -5.26 -0.76
N THR A 220 -23.63 -4.16 -1.33
CA THR A 220 -23.43 -4.12 -2.78
C THR A 220 -22.07 -4.69 -3.21
N GLY A 221 -21.11 -4.68 -2.30
CA GLY A 221 -19.77 -5.16 -2.60
C GLY A 221 -18.91 -4.10 -3.28
N LYS A 222 -19.52 -2.94 -3.54
CA LYS A 222 -18.86 -1.86 -4.26
C LYS A 222 -17.87 -1.14 -3.36
N ALA A 223 -16.76 -0.71 -3.93
CA ALA A 223 -15.77 0.05 -3.19
C ALA A 223 -16.43 1.21 -2.47
N ARG A 224 -16.02 1.47 -1.23
CA ARG A 224 -16.56 2.59 -0.45
C ARG A 224 -15.50 3.64 -0.12
N ALA A 225 -14.41 3.22 0.51
CA ALA A 225 -13.37 4.15 0.94
C ALA A 225 -12.00 3.50 1.07
N ILE A 226 -10.97 4.32 0.89
CA ILE A 226 -9.60 3.91 1.15
C ILE A 226 -9.23 4.36 2.56
N ILE A 227 -8.68 3.46 3.37
CA ILE A 227 -8.25 3.82 4.72
C ILE A 227 -6.77 3.58 4.92
N ASP A 228 -6.31 3.70 6.17
CA ASP A 228 -4.90 3.48 6.56
C ASP A 228 -4.00 4.41 5.76
N LEU A 229 -4.09 5.70 6.07
CA LEU A 229 -3.41 6.72 5.28
C LEU A 229 -2.05 7.11 5.87
N ASP A 230 -1.51 6.29 6.77
CA ASP A 230 -0.21 6.60 7.40
C ASP A 230 0.90 6.84 6.39
N THR A 231 0.88 6.10 5.28
CA THR A 231 2.03 6.11 4.38
C THR A 231 1.81 6.92 3.11
N ILE A 232 0.78 7.77 3.13
CA ILE A 232 0.52 8.70 2.04
C ILE A 232 1.76 9.56 1.74
N MET A 233 2.19 9.60 0.48
CA MET A 233 3.41 10.28 0.07
C MET A 233 3.35 10.66 -1.40
N PRO A 234 4.20 11.60 -1.83
CA PRO A 234 4.30 11.82 -3.27
C PRO A 234 4.99 10.64 -3.94
N GLY A 235 4.75 10.44 -5.23
CA GLY A 235 5.43 9.40 -5.97
C GLY A 235 4.71 9.21 -7.28
N SER A 236 4.77 8.00 -7.83
CA SER A 236 4.00 7.68 -9.03
C SER A 236 2.89 6.71 -8.65
N MET A 237 1.69 6.88 -9.21
CA MET A 237 0.64 5.90 -8.96
C MET A 237 1.10 4.49 -9.38
N LEU A 238 2.14 4.42 -10.22
CA LEU A 238 2.67 3.13 -10.64
C LEU A 238 3.24 2.34 -9.45
N PHE A 239 3.70 3.05 -8.42
CA PHE A 239 4.19 2.38 -7.21
C PHE A 239 3.05 1.60 -6.55
N ASP A 240 1.86 2.19 -6.59
CA ASP A 240 0.68 1.55 -5.99
C ASP A 240 0.13 0.46 -6.90
N PHE A 241 -0.04 0.77 -8.17
CA PHE A 241 -0.53 -0.25 -9.10
C PHE A 241 0.40 -1.48 -9.12
N GLY A 242 1.69 -1.22 -9.29
CA GLY A 242 2.69 -2.28 -9.38
C GLY A 242 2.64 -3.17 -8.17
N ASP A 243 2.50 -2.58 -6.98
CA ASP A 243 2.50 -3.37 -5.76
C ASP A 243 1.22 -4.20 -5.64
N SER A 244 0.09 -3.63 -6.03
CA SER A 244 -1.17 -4.37 -6.00
C SER A 244 -1.08 -5.61 -6.90
N ILE A 245 -0.46 -5.46 -8.07
CA ILE A 245 -0.25 -6.61 -8.94
C ILE A 245 0.67 -7.64 -8.27
N ARG A 246 1.72 -7.17 -7.62
CA ARG A 246 2.67 -8.06 -6.94
C ARG A 246 1.97 -9.04 -5.98
N PHE A 247 1.20 -8.52 -5.04
CA PHE A 247 0.54 -9.41 -4.09
C PHE A 247 -0.78 -9.96 -4.64
N GLY A 248 -1.48 -9.15 -5.43
CA GLY A 248 -2.86 -9.46 -5.80
C GLY A 248 -3.07 -10.37 -7.00
N ALA A 249 -2.16 -10.31 -7.96
CA ALA A 249 -2.29 -11.14 -9.16
C ALA A 249 -1.48 -12.43 -9.06
N SER A 250 -1.04 -12.77 -7.85
CA SER A 250 -0.31 -14.02 -7.65
C SER A 250 -1.28 -15.14 -7.32
N THR A 251 -1.04 -16.33 -7.87
CA THR A 251 -1.88 -17.48 -7.56
C THR A 251 -1.48 -18.13 -6.24
N ALA A 252 -0.53 -17.53 -5.53
CA ALA A 252 0.00 -18.13 -4.32
C ALA A 252 0.27 -17.12 -3.23
N LEU A 253 0.53 -17.64 -2.03
CA LEU A 253 0.90 -16.79 -0.91
C LEU A 253 2.32 -16.26 -1.11
N GLU A 254 2.65 -15.22 -0.38
CA GLU A 254 3.95 -14.57 -0.48
C GLU A 254 5.08 -15.50 -0.03
N ASP A 255 4.76 -16.43 0.88
CA ASP A 255 5.77 -17.37 1.37
C ASP A 255 5.48 -18.83 0.99
N GLU A 256 4.83 -19.04 -0.15
CA GLU A 256 4.62 -20.39 -0.68
C GLU A 256 5.94 -21.11 -0.99
N LYS A 257 6.14 -22.25 -0.33
CA LYS A 257 7.39 -23.00 -0.49
C LYS A 257 7.43 -23.80 -1.78
N ASP A 258 6.25 -24.19 -2.27
CA ASP A 258 6.15 -24.95 -3.52
C ASP A 258 5.97 -23.98 -4.70
N LEU A 259 7.06 -23.78 -5.45
CA LEU A 259 7.11 -22.78 -6.52
C LEU A 259 6.27 -23.15 -7.74
N SER A 260 5.93 -24.43 -7.88
CA SER A 260 5.05 -24.85 -8.96
C SER A 260 3.66 -24.25 -8.80
N LYS A 261 3.30 -23.87 -7.57
CA LYS A 261 2.01 -23.25 -7.27
C LYS A 261 2.02 -21.72 -7.43
N VAL A 262 3.19 -21.16 -7.66
CA VAL A 262 3.35 -19.70 -7.75
C VAL A 262 3.28 -19.24 -9.21
N HIS A 263 2.23 -18.50 -9.56
CA HIS A 263 2.10 -17.99 -10.92
C HIS A 263 1.61 -16.55 -10.96
N PHE A 264 1.99 -15.84 -12.01
CA PHE A 264 1.44 -14.53 -12.29
C PHE A 264 0.18 -14.67 -13.15
N SER A 265 -0.97 -14.33 -12.58
CA SER A 265 -2.26 -14.52 -13.24
C SER A 265 -2.63 -13.34 -14.12
N THR A 266 -2.70 -13.54 -15.43
CA THR A 266 -3.12 -12.47 -16.33
C THR A 266 -4.60 -12.16 -16.17
N GLU A 267 -5.37 -13.12 -15.67
CA GLU A 267 -6.78 -12.89 -15.41
C GLU A 267 -6.95 -11.89 -14.27
N LEU A 268 -6.14 -12.04 -13.23
CA LEU A 268 -6.21 -11.11 -12.13
C LEU A 268 -5.59 -9.78 -12.53
N PHE A 269 -4.55 -9.82 -13.33
CA PHE A 269 -3.97 -8.59 -13.86
C PHE A 269 -5.03 -7.81 -14.63
N ARG A 270 -5.71 -8.50 -15.55
CA ARG A 270 -6.79 -7.88 -16.30
C ARG A 270 -7.87 -7.29 -15.40
N ALA A 271 -8.31 -8.05 -14.40
CA ALA A 271 -9.36 -7.61 -13.49
C ALA A 271 -8.99 -6.29 -12.80
N TYR A 272 -7.79 -6.24 -12.21
CA TYR A 272 -7.39 -5.03 -11.50
C TYR A 272 -7.31 -3.85 -12.46
N THR A 273 -6.76 -4.12 -13.63
CA THR A 273 -6.54 -3.08 -14.63
C THR A 273 -7.88 -2.52 -15.15
N GLU A 274 -8.84 -3.42 -15.37
CA GLU A 274 -10.19 -3.00 -15.77
C GLU A 274 -10.77 -2.03 -14.76
N GLY A 275 -10.70 -2.41 -13.48
CA GLY A 275 -11.25 -1.58 -12.42
C GLY A 275 -10.51 -0.26 -12.30
N PHE A 276 -9.18 -0.33 -12.28
CA PHE A 276 -8.34 0.84 -12.06
C PHE A 276 -8.40 1.83 -13.23
N VAL A 277 -8.13 1.34 -14.43
CA VAL A 277 -8.12 2.19 -15.62
C VAL A 277 -9.54 2.69 -15.93
N GLY A 278 -10.54 1.91 -15.54
CA GLY A 278 -11.92 2.32 -15.73
C GLY A 278 -12.28 3.60 -14.99
N GLU A 279 -11.65 3.83 -13.84
CA GLU A 279 -11.91 5.01 -13.04
C GLU A 279 -10.93 6.14 -13.36
N LEU A 280 -9.77 5.80 -13.94
CA LEU A 280 -8.71 6.80 -14.12
C LEU A 280 -8.46 7.16 -15.59
N ARG A 281 -9.32 6.68 -16.48
CA ARG A 281 -9.08 6.81 -17.93
C ARG A 281 -8.80 8.25 -18.36
N GLY A 282 -9.56 9.19 -17.78
CA GLY A 282 -9.46 10.59 -18.14
C GLY A 282 -8.21 11.30 -17.67
N SER A 283 -7.42 10.64 -16.83
CA SER A 283 -6.24 11.28 -16.25
C SER A 283 -4.95 10.54 -16.60
N ILE A 284 -5.04 9.22 -16.72
CA ILE A 284 -3.85 8.41 -16.98
C ILE A 284 -3.16 8.79 -18.28
N THR A 285 -1.84 8.91 -18.25
CA THR A 285 -1.10 9.32 -19.44
C THR A 285 -0.63 8.15 -20.29
N ALA A 286 -0.16 8.45 -21.49
CA ALA A 286 0.32 7.42 -22.40
C ALA A 286 1.48 6.66 -21.79
N ARG A 287 2.42 7.40 -21.20
CA ARG A 287 3.61 6.81 -20.58
C ARG A 287 3.23 5.96 -19.37
N GLU A 288 2.30 6.45 -18.56
CA GLU A 288 1.80 5.67 -17.44
C GLU A 288 1.19 4.35 -17.92
N ALA A 289 0.21 4.42 -18.82
CA ALA A 289 -0.43 3.22 -19.34
C ALA A 289 0.60 2.24 -19.87
N GLU A 290 1.63 2.78 -20.52
CA GLU A 290 2.67 1.97 -21.15
C GLU A 290 3.45 1.19 -20.10
N LEU A 291 3.53 1.76 -18.89
CA LEU A 291 4.32 1.17 -17.81
C LEU A 291 3.52 0.32 -16.84
N LEU A 292 2.20 0.19 -17.06
CA LEU A 292 1.37 -0.58 -16.13
C LEU A 292 1.90 -2.00 -15.91
N PRO A 293 2.10 -2.76 -17.01
CA PRO A 293 2.67 -4.10 -16.80
C PRO A 293 4.04 -4.07 -16.10
N PHE A 294 4.95 -3.21 -16.55
CA PHE A 294 6.29 -3.23 -15.99
C PHE A 294 6.29 -2.80 -14.53
N SER A 295 5.31 -1.97 -14.14
CA SER A 295 5.23 -1.52 -12.75
C SER A 295 5.09 -2.74 -11.83
N GLY A 296 4.40 -3.76 -12.32
CA GLY A 296 4.33 -5.03 -11.63
C GLY A 296 5.70 -5.68 -11.50
N ASN A 297 6.47 -5.70 -12.59
CA ASN A 297 7.84 -6.22 -12.51
C ASN A 297 8.65 -5.44 -11.48
N LEU A 298 8.54 -4.13 -11.54
CA LEU A 298 9.41 -3.27 -10.75
C LEU A 298 9.16 -3.43 -9.25
N LEU A 299 7.90 -3.36 -8.84
CA LEU A 299 7.58 -3.41 -7.43
C LEU A 299 7.77 -4.81 -6.85
N THR A 300 7.63 -5.82 -7.70
CA THR A 300 7.90 -7.20 -7.28
C THR A 300 9.40 -7.44 -7.07
N MET A 301 10.22 -6.92 -7.98
CA MET A 301 11.67 -6.99 -7.81
C MET A 301 12.10 -6.19 -6.59
N GLU A 302 11.48 -5.04 -6.36
CA GLU A 302 11.85 -4.23 -5.20
C GLU A 302 11.56 -5.01 -3.93
N CYS A 303 10.36 -5.59 -3.87
CA CYS A 303 9.97 -6.35 -2.69
C CYS A 303 10.88 -7.58 -2.51
N GLY A 304 11.11 -8.32 -3.59
CA GLY A 304 11.97 -9.48 -3.51
C GLY A 304 13.38 -9.17 -3.04
N MET A 305 13.97 -8.09 -3.57
CA MET A 305 15.32 -7.76 -3.14
C MET A 305 15.31 -7.38 -1.65
N ARG A 306 14.23 -6.77 -1.17
CA ARG A 306 14.17 -6.41 0.26
C ARG A 306 14.13 -7.67 1.14
N PHE A 307 13.40 -8.69 0.69
CA PHE A 307 13.35 -9.94 1.43
C PHE A 307 14.74 -10.58 1.47
N LEU A 308 15.42 -10.58 0.33
CA LEU A 308 16.75 -11.21 0.23
C LEU A 308 17.78 -10.43 1.01
N ALA A 309 17.66 -9.10 0.94
CA ALA A 309 18.52 -8.24 1.75
C ALA A 309 18.31 -8.56 3.22
N ASP A 310 17.07 -8.69 3.63
CA ASP A 310 16.78 -8.98 5.03
C ASP A 310 17.35 -10.36 5.43
N TYR A 311 17.22 -11.34 4.56
CA TYR A 311 17.78 -12.67 4.80
C TYR A 311 19.28 -12.57 5.06
N LEU A 312 19.97 -11.81 4.22
CA LEU A 312 21.42 -11.67 4.32
C LEU A 312 21.85 -10.89 5.58
N GLU A 313 20.94 -10.06 6.11
CA GLU A 313 21.24 -9.24 7.29
C GLU A 313 20.79 -9.88 8.60
N GLY A 314 20.21 -11.07 8.51
CA GLY A 314 19.76 -11.75 9.71
C GLY A 314 18.34 -11.40 10.10
N ASP A 315 17.51 -11.11 9.10
CA ASP A 315 16.07 -10.98 9.31
C ASP A 315 15.72 -9.94 10.37
N ILE A 316 16.18 -8.72 10.15
CA ILE A 316 15.98 -7.62 11.09
C ILE A 316 14.77 -6.74 10.78
N TYR A 317 14.24 -6.81 9.56
CA TYR A 317 13.13 -5.96 9.13
C TYR A 317 11.77 -6.67 9.09
N PHE A 318 11.73 -7.86 8.50
CA PHE A 318 10.48 -8.59 8.38
C PHE A 318 10.39 -9.66 9.45
N ALA A 319 9.19 -9.86 10.01
CA ALA A 319 8.97 -10.99 10.90
C ALA A 319 9.28 -12.30 10.16
N THR A 320 9.85 -13.27 10.87
CA THR A 320 10.13 -14.59 10.29
C THR A 320 9.68 -15.68 11.25
N LYS A 321 9.29 -16.83 10.69
CA LYS A 321 8.80 -17.95 11.49
C LYS A 321 9.77 -19.12 11.49
N TYR A 322 10.71 -19.07 10.55
CA TYR A 322 11.79 -20.07 10.43
C TYR A 322 12.99 -19.43 9.74
N PRO A 323 14.17 -20.05 9.88
CA PRO A 323 15.44 -19.47 9.43
C PRO A 323 15.48 -19.03 7.96
N GLU A 324 14.86 -19.80 7.08
CA GLU A 324 14.93 -19.50 5.65
C GLU A 324 13.71 -18.75 5.14
N HIS A 325 12.89 -18.22 6.05
CA HIS A 325 11.62 -17.61 5.66
C HIS A 325 11.76 -16.53 4.58
N ASN A 326 12.73 -15.63 4.76
CA ASN A 326 12.93 -14.54 3.80
C ASN A 326 13.46 -15.02 2.46
N LEU A 327 14.18 -16.13 2.47
CA LEU A 327 14.69 -16.72 1.24
C LEU A 327 13.53 -17.35 0.47
N VAL A 328 12.60 -17.99 1.18
CA VAL A 328 11.41 -18.55 0.54
C VAL A 328 10.59 -17.43 -0.06
N ARG A 329 10.45 -16.33 0.69
CA ARG A 329 9.71 -15.16 0.21
C ARG A 329 10.37 -14.56 -1.03
N THR A 330 11.69 -14.36 -1.00
CA THR A 330 12.35 -13.80 -2.17
C THR A 330 12.14 -14.68 -3.41
N ARG A 331 12.03 -15.98 -3.19
CA ARG A 331 11.87 -16.91 -4.30
C ARG A 331 10.52 -16.78 -4.98
N THR A 332 9.46 -16.49 -4.22
CA THR A 332 8.16 -16.35 -4.88
C THR A 332 8.16 -15.09 -5.75
N GLN A 333 8.73 -14.01 -5.22
CA GLN A 333 8.85 -12.77 -5.98
C GLN A 333 9.66 -12.94 -7.26
N ILE A 334 10.74 -13.72 -7.21
CA ILE A 334 11.52 -13.98 -8.41
C ILE A 334 10.66 -14.73 -9.44
N LYS A 335 9.99 -15.78 -8.99
CA LYS A 335 9.13 -16.56 -9.89
C LYS A 335 8.07 -15.68 -10.56
N LEU A 336 7.48 -14.77 -9.79
CA LEU A 336 6.43 -13.90 -10.33
C LEU A 336 6.97 -12.95 -11.40
N VAL A 337 8.14 -12.37 -11.15
CA VAL A 337 8.74 -11.46 -12.13
C VAL A 337 9.07 -12.21 -13.44
N GLN A 338 9.55 -13.44 -13.31
CA GLN A 338 9.89 -14.20 -14.51
C GLN A 338 8.64 -14.48 -15.35
N GLU A 339 7.53 -14.78 -14.69
CA GLU A 339 6.29 -14.96 -15.44
C GLU A 339 5.78 -13.65 -16.03
N MET A 340 5.91 -12.54 -15.29
CA MET A 340 5.53 -11.24 -15.83
C MET A 340 6.36 -10.90 -17.07
N GLU A 341 7.64 -11.22 -17.03
CA GLU A 341 8.53 -11.02 -18.19
C GLU A 341 8.05 -11.85 -19.36
N GLN A 342 7.67 -13.09 -19.09
CA GLN A 342 7.30 -14.01 -20.16
C GLN A 342 5.90 -13.72 -20.70
N LYS A 343 5.12 -12.97 -19.95
CA LYS A 343 3.75 -12.66 -20.39
C LYS A 343 3.59 -11.21 -20.82
N ALA A 344 4.70 -10.56 -21.14
CA ALA A 344 4.69 -9.14 -21.48
C ALA A 344 3.87 -8.83 -22.73
N SER A 345 3.91 -9.71 -23.72
CA SER A 345 3.10 -9.51 -24.92
C SER A 345 1.62 -9.48 -24.55
N GLU A 346 1.21 -10.44 -23.74
CA GLU A 346 -0.18 -10.57 -23.34
C GLU A 346 -0.64 -9.35 -22.53
N THR A 347 0.11 -9.02 -21.48
CA THR A 347 -0.30 -7.91 -20.61
C THR A 347 -0.33 -6.58 -21.36
N ARG A 348 0.60 -6.37 -22.27
CA ARG A 348 0.59 -5.14 -23.06
C ARG A 348 -0.71 -5.07 -23.85
N ALA A 349 -1.11 -6.20 -24.44
CA ALA A 349 -2.36 -6.26 -25.19
C ALA A 349 -3.57 -6.01 -24.30
N ILE A 350 -3.53 -6.57 -23.09
CA ILE A 350 -4.61 -6.39 -22.13
C ILE A 350 -4.80 -4.91 -21.78
N VAL A 351 -3.70 -4.23 -21.47
CA VAL A 351 -3.77 -2.80 -21.16
C VAL A 351 -4.30 -2.01 -22.37
N ALA A 352 -3.71 -2.24 -23.54
CA ALA A 352 -4.16 -1.57 -24.75
C ALA A 352 -5.67 -1.74 -25.00
N ASP A 353 -6.15 -2.97 -24.81
CA ASP A 353 -7.57 -3.27 -24.96
C ASP A 353 -8.42 -2.53 -23.92
N ILE A 354 -7.96 -2.54 -22.67
CA ILE A 354 -8.69 -1.88 -21.59
C ILE A 354 -8.72 -0.36 -21.77
N MET A 355 -7.59 0.19 -22.23
CA MET A 355 -7.49 1.63 -22.46
C MET A 355 -8.49 2.10 -23.51
N GLU A 356 -8.54 1.41 -24.65
CA GLU A 356 -9.46 1.79 -25.72
C GLU A 356 -10.93 1.64 -25.30
N ALA A 357 -11.24 0.51 -24.67
CA ALA A 357 -12.59 0.30 -24.13
C ALA A 357 -13.06 1.43 -23.21
N ALA A 358 -12.22 1.83 -22.27
CA ALA A 358 -12.58 2.94 -21.38
C ALA A 358 -12.67 4.25 -22.18
N ARG A 359 -12.03 4.25 -23.34
CA ARG A 359 -12.28 5.25 -24.40
C ARG A 359 -11.34 6.45 -24.42
PB ADP B . -2.91 -0.47 10.49
O1B ADP B . -3.15 -1.51 9.42
O2B ADP B . -2.10 0.73 10.03
O3B ADP B . -2.49 -1.03 11.83
PA ADP B . -5.59 0.58 9.95
O1A ADP B . -5.52 -0.16 8.65
O2A ADP B . -5.78 2.07 9.97
O3A ADP B . -4.32 0.20 10.89
O5' ADP B . -6.78 -0.04 10.85
C5' ADP B . -6.84 -1.45 11.09
C4' ADP B . -8.25 -1.93 10.76
O4' ADP B . -9.26 -1.12 11.39
C3' ADP B . -8.49 -1.80 9.28
O3' ADP B . -8.00 -2.97 8.59
C2' ADP B . -9.99 -1.59 9.15
O2' ADP B . -10.63 -2.87 9.09
C1' ADP B . -10.36 -0.94 10.48
N9 ADP B . -10.56 0.52 10.33
C8 ADP B . -9.57 1.44 10.39
N7 ADP B . -10.08 2.70 10.24
C5 ADP B . -11.42 2.58 10.09
C6 ADP B . -12.56 3.52 9.90
N6 ADP B . -12.37 4.87 9.84
N1 ADP B . -13.79 2.98 9.79
C2 ADP B . -14.01 1.65 9.85
N3 ADP B . -13.03 0.74 10.03
C4 ADP B . -11.73 1.14 10.15
MG MG C . -4.20 -1.24 7.58
MG MG D . -1.15 0.87 8.27
C ACY E . 6.66 -2.73 4.59
O ACY E . 7.30 -2.56 3.54
OXT ACY E . 7.16 -2.52 5.72
CH3 ACY E . 5.23 -3.21 4.51
C ACY F . -23.91 2.20 -5.78
O ACY F . -24.11 0.97 -5.65
OXT ACY F . -23.46 2.95 -4.87
CH3 ACY F . -24.21 2.85 -7.10
H1 ACY F . -24.72 2.14 -7.75
H2 ACY F . -23.29 3.18 -7.57
H3 ACY F . -24.86 3.72 -6.94
C ACY G . 4.22 -13.87 4.89
O ACY G . 3.08 -13.36 4.95
OXT ACY G . 4.99 -13.81 3.89
CH3 ACY G . 4.70 -14.59 6.12
H1 ACY G . 5.75 -14.85 6.00
H2 ACY G . 4.11 -15.49 6.27
H3 ACY G . 4.58 -13.94 6.99
C ACY H . -22.17 6.99 0.46
O ACY H . -22.74 7.41 -0.58
OXT ACY H . -21.80 5.80 0.63
CH3 ACY H . -21.92 7.95 1.58
H1 ACY H . -21.30 7.46 2.34
H2 ACY H . -22.87 8.24 2.03
H3 ACY H . -21.41 8.83 1.21
C ACY I . 32.46 -11.50 5.26
O ACY I . 31.71 -10.63 5.76
OXT ACY I . 33.71 -11.39 5.21
CH3 ACY I . 31.82 -12.73 4.67
H1 ACY I . 32.60 -13.44 4.39
H2 ACY I . 31.25 -12.45 3.77
H3 ACY I . 31.15 -13.17 5.40
C1 GOL J . 3.98 0.08 6.14
O1 GOL J . 2.88 -0.47 5.44
C2 GOL J . 3.58 0.31 7.59
O2 GOL J . 2.52 1.23 7.65
C3 GOL J . 4.77 0.92 8.33
O3 GOL J . 5.82 -0.02 8.42
#